data_4RPV
#
_entry.id   4RPV
#
_cell.length_a   100.091
_cell.length_b   100.091
_cell.length_c   81.205
_cell.angle_alpha   90
_cell.angle_beta   90
_cell.angle_gamma   120
#
_symmetry.space_group_name_H-M   'P 65'
#
loop_
_entity.id
_entity.type
_entity.pdbx_description
1 polymer 'Serine/threonine-protein kinase pim-1'
2 non-polymer (3S)-1-{6-[5-(2,6-difluorophenyl)-2H-indazol-3-yl]pyrazin-2-yl}piperidin-3-amine
#
_entity_poly.entity_id   1
_entity_poly.type   'polypeptide(L)'
_entity_poly.pdbx_seq_one_letter_code
;HHHHHHMPHEPHEPLTPPFSALPDPAGAPSRRQSRQRPQLSSDSPSAFRASRSHSRNATRSHSHSHSPRHSLRHSPGSGS
CGSSSGHRPCADILEVGMLLSKINSLAHLRAAPCNDLHATKLAPGKEKEPLESQYQVGPLLGSGGFGSVYSGIRVSDNLP
VAIKHVEKDRISDWGELPNGTRVPMEVVLLKKVSSGFSGVIRLLDWFERPDSFVLILERPEPVQDLFDFITERGALQEEL
ARSFFWQVLEAVRHCHNCGVLHRDIKDENILIDLNRGELKLIDFGSGALLKDTVYTDFDGTRVYSPPEWIRYHRYHGRSA
AVWSLGILLYDMVCGDIPFEHDEEIIRGQVFFRQRVSSECQHLIRWCLALRPSDRPTFEEIQNHPWMQDVLLPQETAEIH
LHSLSPGPSK
;
_entity_poly.pdbx_strand_id   A
#
# COMPACT_ATOMS: atom_id res chain seq x y z
N PRO A 130 10.59 -28.56 -0.30
CA PRO A 130 11.33 -27.75 -1.31
C PRO A 130 10.37 -26.76 -1.98
N LEU A 131 10.90 -26.04 -2.97
CA LEU A 131 10.13 -25.03 -3.69
C LEU A 131 9.55 -25.54 -5.00
N GLU A 132 10.42 -25.63 -6.01
CA GLU A 132 10.01 -26.08 -7.34
C GLU A 132 9.06 -27.27 -7.25
N SER A 133 9.21 -28.08 -6.21
CA SER A 133 8.34 -29.24 -6.05
C SER A 133 6.99 -28.74 -5.55
N GLN A 134 7.02 -27.70 -4.74
CA GLN A 134 5.81 -27.14 -4.18
C GLN A 134 5.09 -26.22 -5.17
N TYR A 135 5.85 -25.37 -5.86
CA TYR A 135 5.22 -24.44 -6.79
C TYR A 135 5.71 -24.51 -8.23
N GLN A 136 4.74 -24.47 -9.14
CA GLN A 136 4.95 -24.53 -10.56
C GLN A 136 5.05 -23.10 -11.10
N VAL A 137 6.27 -22.58 -11.15
CA VAL A 137 6.51 -21.21 -11.61
C VAL A 137 6.07 -20.90 -13.02
N GLY A 138 5.29 -19.83 -13.16
CA GLY A 138 4.82 -19.38 -14.46
C GLY A 138 5.67 -18.22 -14.92
N PRO A 139 5.12 -17.34 -15.77
CA PRO A 139 5.79 -16.16 -16.32
C PRO A 139 6.07 -15.01 -15.36
N LEU A 140 7.12 -14.25 -15.64
CA LEU A 140 7.52 -13.11 -14.82
C LEU A 140 6.44 -12.04 -14.84
N LEU A 141 5.96 -11.64 -13.66
CA LEU A 141 4.93 -10.61 -13.52
C LEU A 141 5.54 -9.24 -13.43
N GLY A 142 6.71 -9.16 -12.80
CA GLY A 142 7.36 -7.88 -12.69
C GLY A 142 8.72 -8.01 -12.04
N SER A 143 9.45 -6.91 -11.99
CA SER A 143 10.75 -6.93 -11.37
C SER A 143 11.15 -5.48 -11.18
N GLY A 144 11.88 -5.22 -10.11
CA GLY A 144 12.32 -3.86 -9.85
C GLY A 144 13.11 -3.82 -8.57
N GLY A 145 12.95 -2.76 -7.80
CA GLY A 145 13.67 -2.68 -6.54
C GLY A 145 13.19 -3.81 -5.66
N PHE A 146 11.89 -4.08 -5.74
CA PHE A 146 11.28 -5.14 -4.97
C PHE A 146 11.82 -6.52 -5.31
N GLY A 147 12.56 -6.59 -6.41
CA GLY A 147 13.10 -7.86 -6.85
C GLY A 147 12.35 -8.30 -8.10
N SER A 148 12.17 -9.60 -8.27
CA SER A 148 11.48 -10.19 -9.43
C SER A 148 10.29 -10.99 -8.98
N VAL A 149 9.13 -10.73 -9.56
CA VAL A 149 7.91 -11.44 -9.19
C VAL A 149 7.40 -12.31 -10.32
N TYR A 150 7.25 -13.59 -10.04
CA TYR A 150 6.80 -14.58 -11.02
C TYR A 150 5.41 -15.07 -10.70
N SER A 151 4.64 -15.34 -11.73
CA SER A 151 3.29 -15.87 -11.54
C SER A 151 3.56 -17.31 -11.16
N GLY A 152 2.71 -17.91 -10.34
CA GLY A 152 2.96 -19.29 -9.94
C GLY A 152 1.70 -19.96 -9.46
N ILE A 153 1.78 -21.26 -9.18
CA ILE A 153 0.59 -21.96 -8.70
C ILE A 153 1.00 -23.08 -7.76
N ARG A 154 0.38 -23.13 -6.60
CA ARG A 154 0.71 -24.17 -5.66
C ARG A 154 0.18 -25.45 -6.26
N VAL A 155 1.07 -26.42 -6.38
CA VAL A 155 0.75 -27.71 -6.94
C VAL A 155 -0.32 -28.46 -6.14
N SER A 156 -0.24 -28.36 -4.81
CA SER A 156 -1.20 -29.02 -3.92
C SER A 156 -2.65 -28.74 -4.23
N ASP A 157 -2.95 -27.60 -4.86
CA ASP A 157 -4.35 -27.27 -5.10
C ASP A 157 -4.52 -26.14 -6.08
N ASN A 158 -3.63 -26.07 -7.06
CA ASN A 158 -3.69 -25.02 -8.09
C ASN A 158 -3.93 -23.61 -7.60
N LEU A 159 -3.72 -23.38 -6.32
CA LEU A 159 -3.89 -22.04 -5.79
C LEU A 159 -3.01 -21.08 -6.58
N PRO A 160 -3.58 -19.96 -7.05
CA PRO A 160 -2.68 -19.06 -7.79
C PRO A 160 -1.83 -18.24 -6.81
N VAL A 161 -0.53 -18.16 -7.06
CA VAL A 161 0.35 -17.44 -6.15
C VAL A 161 1.37 -16.59 -6.85
N ALA A 162 2.06 -15.78 -6.07
CA ALA A 162 3.09 -14.91 -6.58
C ALA A 162 4.34 -15.43 -5.92
N ILE A 163 5.45 -15.46 -6.67
CA ILE A 163 6.71 -15.93 -6.12
C ILE A 163 7.73 -14.81 -6.25
N LYS A 164 8.05 -14.19 -5.11
CA LYS A 164 8.97 -13.07 -5.13
C LYS A 164 10.37 -13.46 -4.73
N HIS A 165 11.31 -13.16 -5.62
CA HIS A 165 12.73 -13.46 -5.41
C HIS A 165 13.43 -12.18 -5.14
N VAL A 166 14.44 -12.24 -4.28
CA VAL A 166 15.24 -11.07 -3.96
C VAL A 166 16.62 -11.53 -3.48
N GLU A 167 17.67 -10.87 -3.95
CA GLU A 167 19.00 -11.26 -3.53
C GLU A 167 19.32 -10.64 -2.19
N LYS A 168 20.07 -11.40 -1.39
CA LYS A 168 20.46 -10.95 -0.07
C LYS A 168 21.27 -9.67 -0.22
N ASP A 169 22.23 -9.70 -1.15
CA ASP A 169 23.08 -8.53 -1.38
C ASP A 169 22.25 -7.28 -1.67
N ARG A 170 21.00 -7.44 -2.11
CA ARG A 170 20.16 -6.26 -2.37
C ARG A 170 19.21 -6.02 -1.20
N ILE A 171 19.43 -6.69 -0.08
CA ILE A 171 18.56 -6.48 1.07
C ILE A 171 19.24 -5.50 2.00
N SER A 172 18.54 -4.42 2.36
CA SER A 172 19.14 -3.43 3.25
C SER A 172 18.62 -3.54 4.68
N ASP A 173 17.30 -3.61 4.81
CA ASP A 173 16.66 -3.68 6.13
C ASP A 173 16.37 -5.07 6.69
N TRP A 174 17.29 -5.60 7.49
CA TRP A 174 17.11 -6.93 8.08
C TRP A 174 16.37 -6.90 9.41
N GLY A 175 15.92 -8.07 9.85
CA GLY A 175 15.20 -8.19 11.11
C GLY A 175 15.09 -9.64 11.49
N GLU A 176 14.34 -9.99 12.52
CA GLU A 176 14.21 -11.40 12.84
C GLU A 176 12.90 -11.85 13.45
N LEU A 177 12.52 -13.04 13.04
CA LEU A 177 11.30 -13.66 13.52
C LEU A 177 11.45 -13.94 15.01
N PRO A 178 10.32 -14.24 15.69
CA PRO A 178 10.38 -14.52 17.12
C PRO A 178 11.50 -15.54 17.42
N ASN A 179 11.48 -16.64 16.67
CA ASN A 179 12.47 -17.71 16.85
C ASN A 179 13.86 -17.18 16.50
N GLY A 180 13.93 -15.87 16.29
CA GLY A 180 15.20 -15.22 16.00
C GLY A 180 15.96 -15.52 14.71
N THR A 181 15.25 -15.83 13.64
CA THR A 181 15.92 -16.13 12.38
C THR A 181 16.21 -14.82 11.66
N ARG A 182 17.44 -14.64 11.18
CA ARG A 182 17.78 -13.41 10.45
C ARG A 182 17.09 -13.48 9.09
N VAL A 183 15.99 -12.73 8.93
CA VAL A 183 15.24 -12.72 7.68
C VAL A 183 15.02 -11.29 7.24
N PRO A 184 14.48 -11.09 6.02
CA PRO A 184 14.28 -9.70 5.62
C PRO A 184 13.19 -9.11 6.50
N MET A 185 13.29 -7.82 6.79
CA MET A 185 12.29 -7.18 7.63
C MET A 185 10.92 -7.36 6.97
N GLU A 186 10.91 -7.38 5.65
CA GLU A 186 9.70 -7.55 4.91
C GLU A 186 9.00 -8.81 5.35
N VAL A 187 9.77 -9.85 5.62
CA VAL A 187 9.17 -11.10 6.05
C VAL A 187 8.65 -10.97 7.46
N VAL A 188 9.39 -10.26 8.30
CA VAL A 188 8.93 -10.09 9.67
C VAL A 188 7.56 -9.44 9.64
N LEU A 189 7.51 -8.25 9.05
CA LEU A 189 6.27 -7.50 8.93
C LEU A 189 5.17 -8.37 8.33
N LEU A 190 5.36 -8.82 7.10
CA LEU A 190 4.37 -9.65 6.44
C LEU A 190 3.77 -10.69 7.37
N LYS A 191 4.62 -11.44 8.05
CA LYS A 191 4.14 -12.46 8.95
C LYS A 191 3.24 -11.87 10.03
N LYS A 192 3.55 -10.65 10.44
CA LYS A 192 2.78 -9.99 11.49
C LYS A 192 1.42 -9.50 11.07
N VAL A 193 1.20 -9.33 9.77
CA VAL A 193 -0.09 -8.86 9.30
C VAL A 193 -0.80 -9.92 8.50
N SER A 194 -0.22 -11.11 8.46
CA SER A 194 -0.80 -12.18 7.66
C SER A 194 -1.73 -13.12 8.39
N SER A 195 -2.02 -12.85 9.66
CA SER A 195 -2.91 -13.72 10.38
C SER A 195 -4.37 -13.42 10.16
N GLY A 196 -5.08 -14.35 9.53
CA GLY A 196 -6.50 -14.17 9.32
C GLY A 196 -6.88 -13.29 8.15
N PHE A 197 -8.18 -13.02 8.01
CA PHE A 197 -8.58 -12.22 6.87
C PHE A 197 -8.23 -10.76 7.00
N SER A 198 -8.02 -10.15 5.83
CA SER A 198 -7.67 -8.76 5.71
C SER A 198 -7.51 -8.29 4.26
N GLY A 199 -7.13 -7.01 4.14
CA GLY A 199 -6.97 -6.38 2.84
C GLY A 199 -5.51 -6.29 2.54
N VAL A 200 -4.78 -7.24 3.10
CA VAL A 200 -3.35 -7.28 2.87
C VAL A 200 -2.99 -8.62 2.24
N ILE A 201 -2.39 -8.58 1.05
CA ILE A 201 -1.96 -9.80 0.37
C ILE A 201 -1.17 -10.46 1.47
N ARG A 202 -1.43 -11.75 1.71
CA ARG A 202 -0.72 -12.49 2.75
C ARG A 202 0.45 -13.36 2.29
N LEU A 203 1.42 -13.53 3.18
CA LEU A 203 2.61 -14.32 2.89
C LEU A 203 2.23 -15.74 3.28
N LEU A 204 2.22 -16.66 2.32
CA LEU A 204 1.85 -18.05 2.57
C LEU A 204 3.05 -18.84 3.08
N ASP A 205 4.19 -18.66 2.44
CA ASP A 205 5.39 -19.37 2.84
C ASP A 205 6.60 -18.72 2.22
N TRP A 206 7.78 -19.00 2.76
CA TRP A 206 8.97 -18.42 2.17
C TRP A 206 10.12 -19.42 2.15
N PHE A 207 11.21 -19.07 1.48
CA PHE A 207 12.37 -19.94 1.37
C PHE A 207 13.68 -19.18 1.33
N GLU A 208 14.66 -19.63 2.10
CA GLU A 208 15.97 -18.99 2.09
C GLU A 208 16.84 -19.75 1.11
N ARG A 209 17.57 -19.03 0.27
CA ARG A 209 18.46 -19.69 -0.66
C ARG A 209 19.87 -19.13 -0.39
N PRO A 210 20.90 -19.79 -0.93
CA PRO A 210 22.28 -19.36 -0.73
C PRO A 210 22.53 -17.87 -0.93
N ASP A 211 21.95 -17.28 -1.98
CA ASP A 211 22.15 -15.85 -2.21
C ASP A 211 20.85 -15.07 -2.37
N SER A 212 19.77 -15.62 -1.85
CA SER A 212 18.51 -14.93 -1.98
C SER A 212 17.42 -15.54 -1.12
N PHE A 213 16.31 -14.80 -1.07
CA PHE A 213 15.11 -15.17 -0.32
C PHE A 213 13.98 -15.21 -1.33
N VAL A 214 13.12 -16.20 -1.21
CA VAL A 214 12.00 -16.33 -2.13
C VAL A 214 10.74 -16.34 -1.29
N LEU A 215 9.82 -15.44 -1.58
CA LEU A 215 8.59 -15.41 -0.79
C LEU A 215 7.42 -15.89 -1.63
N ILE A 216 6.51 -16.62 -1.00
CA ILE A 216 5.33 -17.10 -1.70
C ILE A 216 4.20 -16.25 -1.16
N LEU A 217 3.60 -15.44 -2.04
CA LEU A 217 2.50 -14.54 -1.68
C LEU A 217 1.23 -14.86 -2.46
N GLU A 218 0.10 -14.41 -1.96
CA GLU A 218 -1.18 -14.63 -2.63
C GLU A 218 -1.19 -14.04 -4.02
N ARG A 219 -2.17 -14.43 -4.82
CA ARG A 219 -2.29 -13.90 -6.17
C ARG A 219 -3.73 -13.84 -6.64
N PRO A 220 -4.36 -12.68 -6.52
CA PRO A 220 -5.74 -12.59 -6.98
C PRO A 220 -5.75 -12.93 -8.47
N GLU A 221 -6.93 -13.23 -8.99
CA GLU A 221 -7.08 -13.49 -10.42
C GLU A 221 -8.55 -13.49 -10.75
N PRO A 222 -8.97 -12.58 -11.62
CA PRO A 222 -8.12 -11.60 -12.27
C PRO A 222 -7.78 -10.52 -11.25
N VAL A 223 -6.68 -9.80 -11.50
CA VAL A 223 -6.24 -8.74 -10.61
C VAL A 223 -5.58 -7.59 -11.42
N GLN A 224 -5.60 -6.37 -10.88
CA GLN A 224 -4.97 -5.24 -11.56
C GLN A 224 -4.57 -4.23 -10.49
N ASP A 225 -3.38 -3.63 -10.57
CA ASP A 225 -3.03 -2.68 -9.52
C ASP A 225 -3.75 -1.38 -9.74
N LEU A 226 -3.92 -0.61 -8.67
CA LEU A 226 -4.63 0.64 -8.76
C LEU A 226 -3.97 1.63 -9.71
N PHE A 227 -2.67 1.51 -9.94
CA PHE A 227 -2.03 2.43 -10.86
C PHE A 227 -2.60 2.26 -12.25
N ASP A 228 -2.46 1.07 -12.81
CA ASP A 228 -2.96 0.82 -14.13
C ASP A 228 -4.45 1.05 -14.24
N PHE A 229 -5.17 0.81 -13.15
CA PHE A 229 -6.61 1.01 -13.16
C PHE A 229 -6.91 2.48 -13.40
N ILE A 230 -6.27 3.34 -12.63
CA ILE A 230 -6.49 4.76 -12.78
C ILE A 230 -5.93 5.21 -14.12
N THR A 231 -4.74 4.73 -14.46
CA THR A 231 -4.12 5.10 -15.73
C THR A 231 -5.05 4.77 -16.89
N GLU A 232 -5.75 3.65 -16.75
CA GLU A 232 -6.69 3.22 -17.78
C GLU A 232 -7.98 4.04 -17.74
N ARG A 233 -8.64 4.03 -16.59
CA ARG A 233 -9.92 4.72 -16.42
C ARG A 233 -9.92 6.22 -16.18
N GLY A 234 -8.74 6.82 -16.03
CA GLY A 234 -8.73 8.24 -15.74
C GLY A 234 -9.29 8.48 -14.34
N ALA A 235 -9.31 9.73 -13.90
CA ALA A 235 -9.83 10.05 -12.58
C ALA A 235 -11.07 9.20 -12.31
N LEU A 236 -11.22 8.70 -11.09
CA LEU A 236 -12.35 7.87 -10.72
C LEU A 236 -13.54 8.63 -10.17
N GLN A 237 -14.71 8.03 -10.33
CA GLN A 237 -15.96 8.61 -9.84
C GLN A 237 -15.81 8.64 -8.33
N GLU A 238 -16.39 9.63 -7.67
CA GLU A 238 -16.24 9.71 -6.23
C GLU A 238 -16.79 8.55 -5.43
N GLU A 239 -17.81 7.90 -5.96
CA GLU A 239 -18.41 6.78 -5.25
C GLU A 239 -17.45 5.62 -5.26
N LEU A 240 -16.74 5.48 -6.36
CA LEU A 240 -15.78 4.41 -6.48
C LEU A 240 -14.57 4.69 -5.59
N ALA A 241 -14.07 5.93 -5.65
CA ALA A 241 -12.93 6.33 -4.85
C ALA A 241 -13.25 6.16 -3.37
N ARG A 242 -14.46 6.53 -2.97
CA ARG A 242 -14.90 6.41 -1.59
C ARG A 242 -14.83 4.96 -1.15
N SER A 243 -15.17 4.06 -2.05
CA SER A 243 -15.15 2.65 -1.73
C SER A 243 -13.72 2.19 -1.59
N PHE A 244 -12.90 2.50 -2.58
CA PHE A 244 -11.52 2.11 -2.54
C PHE A 244 -10.80 2.69 -1.34
N PHE A 245 -10.77 4.02 -1.22
CA PHE A 245 -10.11 4.69 -0.10
C PHE A 245 -10.45 4.05 1.21
N TRP A 246 -11.74 3.85 1.47
CA TRP A 246 -12.16 3.24 2.73
C TRP A 246 -11.45 1.92 2.99
N GLN A 247 -11.52 1.02 2.02
CA GLN A 247 -10.84 -0.27 2.13
C GLN A 247 -9.37 -0.03 2.45
N VAL A 248 -8.76 0.94 1.79
CA VAL A 248 -7.37 1.28 2.05
C VAL A 248 -7.24 1.60 3.53
N LEU A 249 -8.02 2.55 4.01
CA LEU A 249 -7.95 2.95 5.39
C LEU A 249 -8.05 1.79 6.35
N GLU A 250 -9.03 0.93 6.12
CA GLU A 250 -9.25 -0.23 6.97
C GLU A 250 -8.03 -1.13 7.03
N ALA A 251 -7.31 -1.25 5.91
CA ALA A 251 -6.13 -2.09 5.80
C ALA A 251 -4.95 -1.47 6.50
N VAL A 252 -4.88 -0.15 6.53
CA VAL A 252 -3.78 0.53 7.17
C VAL A 252 -3.96 0.51 8.68
N ARG A 253 -5.23 0.54 9.12
CA ARG A 253 -5.53 0.50 10.54
C ARG A 253 -5.16 -0.90 11.02
N HIS A 254 -5.33 -1.88 10.13
CA HIS A 254 -4.99 -3.25 10.46
C HIS A 254 -3.49 -3.35 10.66
N CYS A 255 -2.74 -2.92 9.65
CA CYS A 255 -1.29 -2.95 9.73
C CYS A 255 -0.85 -2.32 11.03
N HIS A 256 -1.34 -1.13 11.33
CA HIS A 256 -0.94 -0.47 12.56
C HIS A 256 -1.33 -1.26 13.78
N ASN A 257 -2.42 -2.01 13.72
CA ASN A 257 -2.79 -2.80 14.88
C ASN A 257 -1.75 -3.85 15.12
N CYS A 258 -1.23 -4.41 14.05
CA CYS A 258 -0.23 -5.43 14.16
C CYS A 258 1.12 -4.80 14.43
N GLY A 259 1.14 -3.52 14.71
CA GLY A 259 2.39 -2.83 14.97
C GLY A 259 3.28 -2.63 13.78
N VAL A 260 2.70 -2.60 12.59
CA VAL A 260 3.45 -2.44 11.36
C VAL A 260 3.18 -1.13 10.63
N LEU A 261 4.24 -0.49 10.15
CA LEU A 261 4.09 0.76 9.42
C LEU A 261 4.49 0.50 7.97
N HIS A 262 3.53 0.47 7.05
CA HIS A 262 3.87 0.20 5.67
C HIS A 262 4.95 1.16 5.12
N ARG A 263 4.77 2.47 5.28
CA ARG A 263 5.75 3.45 4.80
C ARG A 263 5.81 3.77 3.32
N ASP A 264 4.99 3.11 2.51
CA ASP A 264 5.01 3.37 1.08
C ASP A 264 3.65 3.11 0.42
N ILE A 265 2.63 3.79 0.91
CA ILE A 265 1.27 3.63 0.38
C ILE A 265 1.07 4.40 -0.91
N LYS A 266 0.68 3.70 -1.97
CA LYS A 266 0.44 4.34 -3.24
C LYS A 266 -0.42 3.47 -4.14
N ASP A 267 -0.75 3.97 -5.33
CA ASP A 267 -1.58 3.19 -6.22
C ASP A 267 -0.84 2.03 -6.82
N GLU A 268 0.49 2.10 -6.79
CA GLU A 268 1.30 1.02 -7.32
C GLU A 268 1.37 -0.15 -6.35
N ASN A 269 1.22 0.13 -5.06
CA ASN A 269 1.28 -0.93 -4.08
C ASN A 269 -0.04 -1.39 -3.54
N ILE A 270 -1.06 -1.30 -4.38
CA ILE A 270 -2.41 -1.71 -4.03
C ILE A 270 -3.01 -2.47 -5.21
N LEU A 271 -3.30 -3.75 -5.01
CA LEU A 271 -3.87 -4.59 -6.06
C LEU A 271 -5.38 -4.63 -5.94
N ILE A 272 -6.07 -4.82 -7.06
CA ILE A 272 -7.52 -4.87 -7.10
C ILE A 272 -7.97 -6.26 -7.49
N ASP A 273 -8.73 -6.91 -6.63
CA ASP A 273 -9.23 -8.23 -6.95
C ASP A 273 -10.51 -7.96 -7.76
N LEU A 274 -10.35 -7.69 -9.04
CA LEU A 274 -11.45 -7.34 -9.94
C LEU A 274 -12.81 -8.04 -9.85
N ASN A 275 -12.87 -9.30 -9.43
CA ASN A 275 -14.18 -9.97 -9.36
C ASN A 275 -14.84 -9.79 -8.00
N ARG A 276 -14.03 -9.43 -7.01
CA ARG A 276 -14.49 -9.20 -5.65
C ARG A 276 -14.68 -7.72 -5.28
N GLY A 277 -13.88 -6.87 -5.93
CA GLY A 277 -13.93 -5.45 -5.70
C GLY A 277 -13.19 -5.15 -4.43
N GLU A 278 -12.25 -6.03 -4.10
CA GLU A 278 -11.44 -5.89 -2.90
C GLU A 278 -9.99 -5.51 -3.20
N LEU A 279 -9.50 -4.52 -2.46
CA LEU A 279 -8.13 -4.04 -2.59
C LEU A 279 -7.18 -4.72 -1.63
N LYS A 280 -5.98 -5.04 -2.08
CA LYS A 280 -5.02 -5.69 -1.21
C LYS A 280 -3.71 -4.89 -1.16
N LEU A 281 -3.15 -4.72 0.03
CA LEU A 281 -1.91 -3.96 0.12
C LEU A 281 -0.76 -4.87 -0.23
N ILE A 282 0.27 -4.31 -0.83
CA ILE A 282 1.43 -5.11 -1.19
C ILE A 282 2.68 -4.28 -1.05
N ASP A 283 3.80 -4.99 -0.97
CA ASP A 283 5.13 -4.41 -0.83
C ASP A 283 5.43 -3.75 0.50
N PHE A 284 5.92 -4.57 1.43
CA PHE A 284 6.29 -4.15 2.78
C PHE A 284 7.80 -4.05 2.90
N GLY A 285 8.49 -3.91 1.78
CA GLY A 285 9.93 -3.82 1.79
C GLY A 285 10.45 -2.43 2.12
N SER A 286 9.56 -1.55 2.57
CA SER A 286 9.92 -0.19 2.96
C SER A 286 9.31 0.05 4.33
N GLY A 287 8.54 -0.95 4.78
CA GLY A 287 7.86 -0.90 6.05
C GLY A 287 8.78 -0.75 7.24
N ALA A 288 8.18 -0.71 8.43
CA ALA A 288 8.92 -0.54 9.67
C ALA A 288 7.97 -0.89 10.82
N LEU A 289 8.52 -1.26 11.98
CA LEU A 289 7.66 -1.58 13.12
C LEU A 289 7.16 -0.23 13.57
N LEU A 290 5.88 -0.16 13.91
CA LEU A 290 5.30 1.11 14.35
C LEU A 290 5.90 1.58 15.65
N LYS A 291 6.21 2.86 15.75
CA LYS A 291 6.78 3.38 16.97
C LYS A 291 6.34 4.82 17.20
N ASP A 292 6.20 5.18 18.47
CA ASP A 292 5.76 6.52 18.82
C ASP A 292 6.84 7.58 18.78
N THR A 293 8.10 7.19 18.70
CA THR A 293 9.15 8.20 18.61
C THR A 293 9.39 8.58 17.13
N VAL A 294 10.36 9.46 16.86
CA VAL A 294 10.62 9.92 15.51
C VAL A 294 11.34 8.92 14.62
N TYR A 295 11.10 9.05 13.32
CA TYR A 295 11.72 8.21 12.29
C TYR A 295 12.73 9.13 11.61
N THR A 296 13.89 8.63 11.25
CA THR A 296 14.85 9.51 10.59
C THR A 296 15.32 8.88 9.32
N ASP A 297 14.75 7.71 9.04
CA ASP A 297 15.07 6.99 7.84
C ASP A 297 13.81 6.91 7.00
N PHE A 298 13.96 7.05 5.69
CA PHE A 298 12.85 6.94 4.77
C PHE A 298 13.39 6.47 3.44
N ASP A 299 12.83 5.37 2.95
CA ASP A 299 13.25 4.80 1.68
C ASP A 299 12.03 4.46 0.84
N GLY A 300 10.97 5.23 1.01
CA GLY A 300 9.77 5.00 0.24
C GLY A 300 9.72 5.99 -0.91
N THR A 301 8.57 6.04 -1.58
CA THR A 301 8.39 6.95 -2.70
C THR A 301 8.48 8.44 -2.31
N ARG A 302 9.32 9.20 -3.03
CA ARG A 302 9.51 10.61 -2.71
C ARG A 302 8.26 11.49 -2.79
N VAL A 303 7.79 11.81 -4.01
CA VAL A 303 6.60 12.64 -4.18
C VAL A 303 5.50 12.28 -3.20
N TYR A 304 5.62 11.13 -2.54
CA TYR A 304 4.61 10.71 -1.57
C TYR A 304 5.07 10.96 -0.13
N SER A 305 6.29 11.50 -0.01
CA SER A 305 6.89 11.80 1.30
C SER A 305 6.38 13.13 1.86
N PRO A 306 6.08 13.18 3.17
CA PRO A 306 5.58 14.39 3.80
C PRO A 306 6.58 15.54 3.70
N PRO A 307 6.10 16.78 3.90
CA PRO A 307 7.04 17.89 3.82
C PRO A 307 8.08 17.87 4.93
N GLU A 308 7.67 17.42 6.13
CA GLU A 308 8.57 17.36 7.28
C GLU A 308 9.77 16.48 7.03
N TRP A 309 9.65 15.51 6.14
CA TRP A 309 10.78 14.66 5.85
C TRP A 309 11.65 15.45 4.89
N ILE A 310 11.00 15.98 3.85
CA ILE A 310 11.68 16.80 2.84
C ILE A 310 12.57 17.85 3.50
N ARG A 311 11.99 18.61 4.43
CA ARG A 311 12.67 19.69 5.14
C ARG A 311 13.61 19.29 6.28
N TYR A 312 13.16 18.36 7.13
CA TYR A 312 13.94 17.93 8.29
C TYR A 312 14.47 16.49 8.32
N HIS A 313 14.00 15.64 7.42
CA HIS A 313 14.44 14.25 7.44
C HIS A 313 13.98 13.59 8.73
N ARG A 314 12.89 14.08 9.29
CA ARG A 314 12.33 13.55 10.51
C ARG A 314 10.82 13.47 10.37
N TYR A 315 10.23 12.36 10.82
CA TYR A 315 8.79 12.20 10.75
C TYR A 315 8.28 11.14 11.72
N HIS A 316 6.97 11.17 11.97
CA HIS A 316 6.35 10.19 12.86
C HIS A 316 5.41 9.29 12.06
N GLY A 317 5.39 8.02 12.43
CA GLY A 317 4.55 7.06 11.74
C GLY A 317 3.21 7.56 11.24
N ARG A 318 2.19 7.43 12.10
CA ARG A 318 0.80 7.83 11.81
C ARG A 318 0.60 9.03 10.95
N SER A 319 1.16 10.15 11.37
CA SER A 319 0.96 11.38 10.65
C SER A 319 1.58 11.44 9.29
N ALA A 320 2.67 10.74 9.08
CA ALA A 320 3.26 10.76 7.77
C ALA A 320 2.41 9.86 6.92
N ALA A 321 1.75 8.89 7.54
CA ALA A 321 0.89 7.96 6.82
C ALA A 321 -0.31 8.69 6.27
N VAL A 322 -0.87 9.56 7.10
CA VAL A 322 -2.03 10.33 6.71
C VAL A 322 -1.68 11.30 5.59
N TRP A 323 -0.41 11.64 5.45
CA TRP A 323 -0.05 12.57 4.38
C TRP A 323 -0.08 11.83 3.05
N SER A 324 0.36 10.58 3.05
CA SER A 324 0.36 9.78 1.84
C SER A 324 -1.06 9.35 1.46
N LEU A 325 -1.92 9.22 2.46
CA LEU A 325 -3.31 8.85 2.22
C LEU A 325 -4.03 10.01 1.54
N GLY A 326 -3.51 11.21 1.70
CA GLY A 326 -4.15 12.35 1.08
C GLY A 326 -3.71 12.45 -0.38
N ILE A 327 -2.49 12.00 -0.65
CA ILE A 327 -1.90 11.99 -1.99
C ILE A 327 -2.67 10.96 -2.80
N LEU A 328 -2.90 9.81 -2.16
CA LEU A 328 -3.62 8.73 -2.79
C LEU A 328 -5.03 9.18 -3.13
N LEU A 329 -5.76 9.72 -2.17
CA LEU A 329 -7.12 10.16 -2.46
C LEU A 329 -7.15 11.14 -3.61
N TYR A 330 -6.26 12.11 -3.61
CA TYR A 330 -6.24 13.09 -4.68
C TYR A 330 -5.99 12.32 -5.95
N ASP A 331 -5.00 11.45 -5.90
CA ASP A 331 -4.63 10.64 -7.04
C ASP A 331 -5.81 9.91 -7.64
N MET A 332 -6.62 9.27 -6.81
CA MET A 332 -7.79 8.57 -7.32
C MET A 332 -8.70 9.57 -8.05
N VAL A 333 -9.33 10.47 -7.29
CA VAL A 333 -10.24 11.46 -7.86
C VAL A 333 -9.73 12.41 -8.99
N CYS A 334 -8.42 12.62 -9.09
CA CYS A 334 -7.86 13.51 -10.12
C CYS A 334 -7.10 12.80 -11.21
N GLY A 335 -6.66 11.58 -10.91
CA GLY A 335 -5.92 10.80 -11.88
C GLY A 335 -4.43 11.00 -11.89
N ASP A 336 -3.89 11.72 -10.93
CA ASP A 336 -2.45 11.94 -10.90
C ASP A 336 -2.12 12.62 -9.59
N ILE A 337 -0.96 12.32 -9.04
CA ILE A 337 -0.55 12.89 -7.77
C ILE A 337 -0.48 14.42 -7.84
N PRO A 338 -0.77 15.11 -6.73
CA PRO A 338 -0.77 16.58 -6.63
C PRO A 338 0.57 17.36 -6.68
N PHE A 339 1.62 16.82 -6.08
CA PHE A 339 2.91 17.52 -6.05
C PHE A 339 3.90 16.73 -6.83
N GLU A 340 4.85 17.43 -7.42
CA GLU A 340 5.87 16.78 -8.22
C GLU A 340 7.27 17.19 -7.76
N HIS A 341 7.43 18.43 -7.30
CA HIS A 341 8.73 18.91 -6.83
C HIS A 341 8.74 19.20 -5.34
N ASP A 342 9.94 19.17 -4.76
CA ASP A 342 10.12 19.45 -3.34
C ASP A 342 9.46 20.78 -3.03
N GLU A 343 9.59 21.71 -3.96
CA GLU A 343 9.00 23.02 -3.71
C GLU A 343 7.48 22.93 -3.55
N GLU A 344 6.83 22.08 -4.34
CA GLU A 344 5.37 21.90 -4.29
C GLU A 344 4.89 21.22 -3.03
N ILE A 345 5.66 20.23 -2.60
CA ILE A 345 5.33 19.46 -1.42
C ILE A 345 5.40 20.33 -0.20
N ILE A 346 6.44 21.16 -0.12
CA ILE A 346 6.57 22.00 1.05
C ILE A 346 5.63 23.22 1.03
N ARG A 347 5.21 23.67 -0.14
CA ARG A 347 4.32 24.81 -0.20
C ARG A 347 2.93 24.37 0.21
N GLY A 348 2.66 23.09 -0.02
CA GLY A 348 1.38 22.48 0.33
C GLY A 348 0.12 23.02 -0.32
N GLN A 349 0.23 23.58 -1.53
CA GLN A 349 -0.93 24.13 -2.24
C GLN A 349 -1.60 23.09 -3.17
N VAL A 350 -2.85 22.73 -2.90
CA VAL A 350 -3.52 21.74 -3.72
C VAL A 350 -4.47 22.35 -4.75
N PHE A 351 -4.14 22.16 -6.03
CA PHE A 351 -4.97 22.66 -7.12
C PHE A 351 -5.62 21.46 -7.76
N PHE A 352 -6.93 21.56 -7.99
CA PHE A 352 -7.68 20.47 -8.58
C PHE A 352 -7.83 20.60 -10.10
N ARG A 353 -7.31 19.60 -10.79
CA ARG A 353 -7.35 19.52 -12.25
C ARG A 353 -8.67 18.96 -12.73
N GLN A 354 -9.45 18.39 -11.82
CA GLN A 354 -10.74 17.84 -12.16
C GLN A 354 -11.83 18.45 -11.29
N ARG A 355 -13.07 18.17 -11.62
CA ARG A 355 -14.17 18.68 -10.83
C ARG A 355 -14.36 17.80 -9.60
N VAL A 356 -13.96 18.28 -8.43
CA VAL A 356 -14.12 17.47 -7.22
C VAL A 356 -15.08 18.11 -6.21
N SER A 357 -15.88 17.27 -5.55
CA SER A 357 -16.82 17.79 -4.59
C SER A 357 -16.08 18.62 -3.56
N SER A 358 -16.78 19.58 -2.97
CA SER A 358 -16.18 20.47 -1.98
C SER A 358 -15.86 19.72 -0.70
N GLU A 359 -16.62 18.68 -0.41
CA GLU A 359 -16.42 17.90 0.81
C GLU A 359 -15.22 17.03 0.66
N CYS A 360 -14.94 16.68 -0.58
CA CYS A 360 -13.83 15.82 -0.87
C CYS A 360 -12.54 16.60 -0.95
N GLN A 361 -12.61 17.83 -1.41
CA GLN A 361 -11.40 18.63 -1.50
C GLN A 361 -10.97 18.94 -0.07
N HIS A 362 -11.96 19.13 0.80
CA HIS A 362 -11.69 19.44 2.18
C HIS A 362 -10.98 18.31 2.92
N LEU A 363 -11.43 17.08 2.71
CA LEU A 363 -10.80 15.93 3.35
C LEU A 363 -9.39 15.76 2.81
N ILE A 364 -9.21 16.05 1.53
CA ILE A 364 -7.90 15.94 0.92
C ILE A 364 -6.95 17.01 1.45
N ARG A 365 -7.43 18.23 1.57
CA ARG A 365 -6.56 19.30 2.08
C ARG A 365 -6.27 19.11 3.55
N TRP A 366 -7.13 18.37 4.23
CA TRP A 366 -6.95 18.17 5.64
C TRP A 366 -5.83 17.15 5.88
N CYS A 367 -5.70 16.20 4.97
CA CYS A 367 -4.69 15.15 5.06
C CYS A 367 -3.35 15.72 4.65
N LEU A 368 -3.41 16.73 3.79
CA LEU A 368 -2.21 17.35 3.27
C LEU A 368 -1.83 18.61 4.03
N ALA A 369 -2.15 18.63 5.31
CA ALA A 369 -1.83 19.74 6.19
C ALA A 369 -0.32 19.76 6.40
N LEU A 370 0.31 20.89 6.10
CA LEU A 370 1.75 21.03 6.25
C LEU A 370 2.25 20.64 7.64
N ARG A 371 1.52 21.02 8.67
CA ARG A 371 1.94 20.68 10.02
C ARG A 371 1.38 19.32 10.38
N PRO A 372 2.27 18.36 10.68
CA PRO A 372 1.78 17.03 11.02
C PRO A 372 0.64 16.99 12.00
N SER A 373 0.64 17.86 12.99
CA SER A 373 -0.42 17.84 13.99
C SER A 373 -1.74 18.46 13.55
N ASP A 374 -1.85 18.88 12.30
CA ASP A 374 -3.10 19.45 11.85
C ASP A 374 -3.81 18.44 10.97
N ARG A 375 -3.09 17.36 10.65
CA ARG A 375 -3.64 16.28 9.84
C ARG A 375 -4.63 15.51 10.69
N PRO A 376 -5.64 14.91 10.04
CA PRO A 376 -6.64 14.15 10.77
C PRO A 376 -6.10 12.83 11.26
N THR A 377 -6.86 12.18 12.14
CA THR A 377 -6.48 10.88 12.65
C THR A 377 -7.26 9.93 11.79
N PHE A 378 -6.93 8.64 11.84
CA PHE A 378 -7.66 7.69 11.02
C PHE A 378 -9.15 7.78 11.31
N GLU A 379 -9.51 7.77 12.59
CA GLU A 379 -10.90 7.84 13.01
C GLU A 379 -11.57 9.06 12.44
N GLU A 380 -10.82 10.16 12.38
CA GLU A 380 -11.32 11.42 11.85
C GLU A 380 -11.58 11.33 10.37
N ILE A 381 -10.68 10.68 9.65
CA ILE A 381 -10.84 10.52 8.23
C ILE A 381 -12.09 9.67 7.95
N GLN A 382 -12.21 8.57 8.68
CA GLN A 382 -13.36 7.70 8.52
C GLN A 382 -14.66 8.31 8.98
N ASN A 383 -14.58 9.37 9.76
CA ASN A 383 -15.79 10.03 10.23
C ASN A 383 -16.01 11.32 9.48
N HIS A 384 -15.37 11.44 8.34
CA HIS A 384 -15.53 12.64 7.56
C HIS A 384 -16.80 12.54 6.71
N PRO A 385 -17.57 13.65 6.64
CA PRO A 385 -18.78 13.66 5.85
C PRO A 385 -18.59 12.92 4.54
N TRP A 386 -17.59 13.33 3.77
CA TRP A 386 -17.35 12.72 2.49
C TRP A 386 -17.22 11.22 2.53
N MET A 387 -16.96 10.67 3.70
CA MET A 387 -16.80 9.24 3.78
C MET A 387 -18.00 8.49 4.26
N GLN A 388 -19.18 9.09 4.22
CA GLN A 388 -20.35 8.36 4.69
C GLN A 388 -21.00 7.56 3.57
N ASP A 389 -21.76 6.54 3.94
CA ASP A 389 -22.46 5.69 2.96
C ASP A 389 -21.53 5.02 1.96
N VAL A 390 -20.53 4.30 2.46
CA VAL A 390 -19.61 3.60 1.56
C VAL A 390 -20.29 2.33 1.05
N LEU A 391 -19.99 1.95 -0.18
CA LEU A 391 -20.53 0.74 -0.77
C LEU A 391 -19.68 -0.42 -0.28
N LEU A 392 -20.27 -1.59 -0.12
CA LEU A 392 -19.46 -2.72 0.29
C LEU A 392 -18.70 -3.21 -0.96
N PRO A 393 -17.61 -3.97 -0.79
CA PRO A 393 -16.84 -4.45 -1.94
C PRO A 393 -17.66 -5.08 -3.07
N GLN A 394 -18.41 -6.13 -2.71
CA GLN A 394 -19.21 -6.84 -3.70
C GLN A 394 -20.07 -5.95 -4.58
N GLU A 395 -20.68 -4.90 -4.03
CA GLU A 395 -21.50 -4.02 -4.83
C GLU A 395 -20.62 -3.09 -5.66
N THR A 396 -19.47 -2.74 -5.09
CA THR A 396 -18.54 -1.86 -5.79
C THR A 396 -18.18 -2.53 -7.10
N ALA A 397 -18.06 -3.86 -7.05
CA ALA A 397 -17.69 -4.61 -8.24
C ALA A 397 -18.83 -4.72 -9.23
N GLU A 398 -20.03 -4.90 -8.71
CA GLU A 398 -21.21 -5.01 -9.56
C GLU A 398 -21.39 -3.70 -10.30
N ILE A 399 -21.28 -2.60 -9.56
CA ILE A 399 -21.47 -1.28 -10.12
C ILE A 399 -20.35 -0.66 -10.98
N HIS A 400 -19.10 -0.82 -10.57
CA HIS A 400 -18.03 -0.20 -11.32
C HIS A 400 -16.99 -1.07 -12.01
N LEU A 401 -16.97 -2.35 -11.69
CA LEU A 401 -15.96 -3.22 -12.30
C LEU A 401 -16.52 -4.23 -13.33
N HIS A 402 -17.34 -5.16 -12.86
CA HIS A 402 -17.94 -6.16 -13.73
C HIS A 402 -18.42 -5.56 -15.05
#